data_2KWG
#
_entry.id   2KWG
#
_cell.length_a   1.000
_cell.length_b   1.000
_cell.length_c   1.000
_cell.angle_alpha   90.00
_cell.angle_beta   90.00
_cell.angle_gamma   90.00
#
_symmetry.space_group_name_H-M   'P 1'
#
loop_
_entity.id
_entity.type
_entity.pdbx_description
1 polymer "5'-R(*(GF2)P*(OMG)P*(GF2)P*(OMU)P*(AF2)P*(A2M)P*(AF2)P*(OMU)P*(AF2)P*(OMC)P*(AF2)P*(OMU)P*(UFT)P*(OMC)P*(UFT)P*(OMU)P*(CFZ)P*(A2M)P*(UFT)P*(OMU)P*(UFT))-3'"
2 polymer "5'-R(P*(A2M)P*(UFT)P*(OMG)P*(AF2)P*(A2M)P*(GF2)P*(A2M)P*(AF2)P*(OMU)P*(GF2)P*(OMU)P*(AF2)P*(OMU)P*(UFT)P*(OMU)P*(AF2)P*(OMC)P*(CFZ)P*(OMC)P*(UFT)P*(OMU))-3'"
#
loop_
_entity_poly.entity_id
_entity_poly.type
_entity_poly.pdbx_seq_one_letter_code
_entity_poly.pdbx_strand_id
1 'polyribonucleotide'
;(GF2)(OMG)(GF2)(OMU)(AF2)(A2M)(AF2)(OMU)(AF2)(OMC)(AF2)(OMU)(UFT)(OMC)(UFT)(OMU)
(CFZ)(A2M)(UFT)(OMU)(UFT)
;
A
2 'polyribonucleotide'
;(A2M)(UFT)(OMG)(AF2)(A2M)(GF2)(A2M)(AF2)(OMU)(GF2)(OMU)(AF2)(OMU)(UFT)(OMU)(AF2)
(OMC)(CFZ)(OMC)(UFT)(OMU)
;
B
#